data_2F8L
#
_entry.id   2F8L
#
_cell.length_a   99.595
_cell.length_b   99.595
_cell.length_c   117.084
_cell.angle_alpha   90.00
_cell.angle_beta   90.00
_cell.angle_gamma   90.00
#
_symmetry.space_group_name_H-M   'I 41'
#
loop_
_entity.id
_entity.type
_entity.pdbx_description
1 polymer 'hypothetical protein lmo1582'
2 non-polymer 'CHLORIDE ION'
3 non-polymer 'SULFATE ION'
4 non-polymer S-ADENOSYLMETHIONINE
5 non-polymer GLYCEROL
6 water water
#
_entity_poly.entity_id   1
_entity_poly.type   'polypeptide(L)'
_entity_poly.pdbx_seq_one_letter_code
;(MSE)GSDKIHHHHHH(MSE)ANEATQELFQVLDNTAIILQNELEISYLEAVYETGENLFQKEVLQKEELSSEKQLKLQA
SYESIELENFSNEEIRKGLQLALLKG(MSE)KHGIQVNHQ(MSE)TPDSIGFIVAYLLEKVIQKKKNVSILDPACGTANL
LTTVINQLELKGDVDVHASGVDVDDLLISLALVGADLQRQK(MSE)TLLHQDGLANLLVDPVDVVISDLPVGYYPDDENA
KTFELCREEGHSFAHFLFIEQG(MSE)RYTKPGGYLFFLVPDA(MSE)FGTSDFAKVDKFIKKNGHIEGIIKLPETLFKS
EQARKSILILEKADVDVKPPKEVLLANLSSLTDPSVTAPILAEIENWFKSKQ
;
_entity_poly.pdbx_strand_id   A
#
loop_
_chem_comp.id
_chem_comp.type
_chem_comp.name
_chem_comp.formula
CL non-polymer 'CHLORIDE ION' 'Cl -1'
GOL non-polymer GLYCEROL 'C3 H8 O3'
SAM non-polymer S-ADENOSYLMETHIONINE 'C15 H22 N6 O5 S'
SO4 non-polymer 'SULFATE ION' 'O4 S -2'
#
# COMPACT_ATOMS: atom_id res chain seq x y z
N ALA A 14 -11.92 -1.29 18.14
CA ALA A 14 -12.72 -0.04 18.25
C ALA A 14 -13.90 0.01 17.31
N ASN A 15 -13.76 0.88 16.33
CA ASN A 15 -14.89 1.58 15.74
C ASN A 15 -15.38 2.63 16.72
N GLU A 16 -15.78 2.19 17.91
CA GLU A 16 -15.96 3.11 19.04
C GLU A 16 -14.78 4.11 19.12
N ALA A 17 -13.58 3.59 19.37
CA ALA A 17 -12.35 4.41 19.37
C ALA A 17 -12.04 5.01 18.00
N THR A 18 -12.16 4.24 16.90
CA THR A 18 -11.74 4.83 15.61
C THR A 18 -12.68 6.01 15.23
N GLN A 19 -13.99 5.90 15.51
CA GLN A 19 -14.97 7.01 15.27
C GLN A 19 -14.67 8.26 16.10
N GLU A 20 -14.33 8.05 17.38
CA GLU A 20 -13.87 9.12 18.25
C GLU A 20 -12.68 9.88 17.65
N LEU A 21 -11.67 9.14 17.17
CA LEU A 21 -10.50 9.76 16.54
C LEU A 21 -10.87 10.45 15.23
N PHE A 22 -11.73 9.83 14.43
CA PHE A 22 -12.09 10.38 13.13
C PHE A 22 -12.87 11.68 13.34
N GLN A 23 -13.77 11.69 14.33
CA GLN A 23 -14.52 12.92 14.65
C GLN A 23 -13.59 14.07 15.04
N VAL A 24 -12.52 13.76 15.78
CA VAL A 24 -11.53 14.79 16.12
C VAL A 24 -10.76 15.26 14.89
N LEU A 25 -10.38 14.32 14.04
CA LEU A 25 -9.66 14.63 12.80
C LEU A 25 -10.53 15.43 11.83
N ASP A 26 -11.79 15.02 11.73
CA ASP A 26 -12.72 15.59 10.76
C ASP A 26 -13.01 17.03 11.14
N ASN A 27 -13.48 17.23 12.37
CA ASN A 27 -13.84 18.55 12.88
C ASN A 27 -12.71 19.55 12.77
N THR A 28 -11.52 19.11 13.15
CA THR A 28 -10.36 19.99 13.16
C THR A 28 -9.86 20.25 11.73
N ALA A 29 -9.94 19.26 10.84
CA ALA A 29 -9.55 19.42 9.43
C ALA A 29 -10.52 20.36 8.67
N ILE A 30 -11.81 20.29 9.00
CA ILE A 30 -12.82 21.19 8.42
C ILE A 30 -12.55 22.66 8.78
N ILE A 31 -12.06 22.90 10.00
CA ILE A 31 -11.61 24.23 10.42
C ILE A 31 -10.37 24.67 9.62
N LEU A 32 -9.32 23.86 9.69
CA LEU A 32 -8.06 24.16 8.98
C LEU A 32 -8.27 24.27 7.45
N GLN A 33 -9.23 23.51 6.91
CA GLN A 33 -9.58 23.62 5.49
C GLN A 33 -10.13 25.00 5.15
N ASN A 34 -10.90 25.58 6.09
CA ASN A 34 -11.54 26.86 5.85
C ASN A 34 -10.65 28.06 6.17
N GLU A 35 -9.97 28.02 7.33
CA GLU A 35 -9.09 29.11 7.74
C GLU A 35 -7.89 29.27 6.81
N LEU A 36 -7.25 28.14 6.50
CA LEU A 36 -6.03 28.13 5.69
C LEU A 36 -6.34 28.07 4.19
N GLU A 37 -7.58 27.75 3.82
CA GLU A 37 -8.03 27.61 2.42
C GLU A 37 -7.26 26.50 1.64
N ILE A 38 -7.01 25.41 2.34
CA ILE A 38 -6.32 24.26 1.77
C ILE A 38 -7.36 23.14 1.57
N SER A 39 -6.99 22.10 0.82
CA SER A 39 -7.91 20.97 0.61
C SER A 39 -8.18 20.23 1.92
N TYR A 40 -9.27 19.47 1.97
CA TYR A 40 -9.56 18.64 3.14
C TYR A 40 -8.41 17.65 3.35
N LEU A 41 -7.86 17.15 2.25
CA LEU A 41 -6.78 16.15 2.31
C LEU A 41 -5.50 16.76 2.87
N GLU A 42 -5.17 17.97 2.42
CA GLU A 42 -4.04 18.71 2.96
C GLU A 42 -4.29 19.14 4.41
N ALA A 43 -5.55 19.37 4.76
CA ALA A 43 -5.96 19.72 6.13
C ALA A 43 -5.83 18.54 7.09
N VAL A 44 -6.02 17.33 6.56
CA VAL A 44 -5.83 16.07 7.33
C VAL A 44 -4.35 15.92 7.72
N TYR A 45 -3.44 16.25 6.83
CA TYR A 45 -2.02 16.22 7.18
C TYR A 45 -1.72 17.24 8.30
N GLU A 46 -2.10 18.49 8.02
CA GLU A 46 -1.92 19.62 8.94
C GLU A 46 -2.51 19.37 10.32
N THR A 47 -3.76 18.89 10.38
CA THR A 47 -4.36 18.55 11.68
C THR A 47 -3.64 17.40 12.39
N GLY A 48 -3.15 16.42 11.63
CA GLY A 48 -2.46 15.27 12.19
C GLY A 48 -1.12 15.53 12.84
N GLU A 49 -0.34 16.45 12.27
CA GLU A 49 0.90 16.88 12.91
C GLU A 49 0.59 17.65 14.20
N ASN A 50 -0.47 18.45 14.19
CA ASN A 50 -0.91 19.17 15.41
C ASN A 50 -1.20 18.16 16.53
N LEU A 51 -2.10 17.23 16.23
CA LEU A 51 -2.46 16.16 17.16
C LEU A 51 -1.24 15.38 17.67
N PHE A 52 -0.33 15.02 16.76
CA PHE A 52 0.83 14.21 17.13
C PHE A 52 1.84 14.95 18.01
N GLN A 53 2.11 16.20 17.65
CA GLN A 53 3.08 17.06 18.36
C GLN A 53 2.50 17.83 19.56
N LYS A 54 1.18 17.84 19.67
CA LYS A 54 0.45 18.47 20.77
C LYS A 54 0.57 20.00 20.76
N GLU A 55 0.59 20.56 19.55
CA GLU A 55 0.59 22.02 19.32
C GLU A 55 -0.44 22.35 18.24
N VAL A 56 -0.87 23.62 18.15
CA VAL A 56 -1.51 24.10 16.93
C VAL A 56 -0.40 24.79 16.13
N LEU A 57 0.10 24.08 15.12
CA LEU A 57 1.35 24.47 14.44
C LEU A 57 1.26 25.75 13.61
N GLN A 58 0.06 26.10 13.17
CA GLN A 58 -0.15 27.24 12.27
C GLN A 58 -0.92 28.35 13.00
N LYS A 59 -0.35 28.78 14.12
CA LYS A 59 -0.98 29.75 15.02
C LYS A 59 -1.15 31.10 14.35
N GLU A 60 -0.08 31.62 13.75
CA GLU A 60 -0.15 32.87 12.99
C GLU A 60 -0.78 32.69 11.60
N GLU A 61 -2.01 32.18 11.54
CA GLU A 61 -2.70 31.93 10.27
C GLU A 61 -4.17 31.59 10.53
N LYS A 66 -10.61 30.14 17.05
CA LYS A 66 -10.38 28.91 16.28
C LYS A 66 -9.28 28.07 16.92
N GLN A 67 -8.13 28.70 17.18
CA GLN A 67 -7.00 28.08 17.86
C GLN A 67 -7.41 27.41 19.18
N LEU A 68 -8.27 28.09 19.95
CA LEU A 68 -8.85 27.52 21.17
C LEU A 68 -9.69 26.29 20.81
N LYS A 69 -10.56 26.44 19.80
CA LYS A 69 -11.44 25.37 19.34
C LYS A 69 -10.65 24.12 18.91
N LEU A 70 -9.58 24.32 18.12
CA LEU A 70 -8.69 23.22 17.68
C LEU A 70 -8.07 22.46 18.85
N GLN A 71 -7.45 23.21 19.75
CA GLN A 71 -6.78 22.67 20.94
C GLN A 71 -7.69 21.83 21.84
N ALA A 72 -8.92 22.32 22.05
CA ALA A 72 -9.93 21.61 22.85
C ALA A 72 -10.32 20.29 22.20
N SER A 73 -10.39 20.28 20.88
CA SER A 73 -10.72 19.07 20.13
C SER A 73 -9.59 18.04 20.19
N TYR A 74 -8.34 18.51 20.09
CA TYR A 74 -7.16 17.65 20.19
C TYR A 74 -6.95 17.06 21.60
N GLU A 75 -7.30 17.83 22.62
CA GLU A 75 -7.08 17.40 23.99
C GLU A 75 -8.22 16.51 24.51
N SER A 76 -9.35 16.51 23.79
CA SER A 76 -10.46 15.61 24.08
C SER A 76 -10.12 14.12 23.97
N ILE A 77 -9.01 13.77 23.31
CA ILE A 77 -8.55 12.38 23.26
C ILE A 77 -7.08 12.27 23.65
N GLU A 78 -6.72 11.11 24.19
CA GLU A 78 -5.33 10.76 24.49
C GLU A 78 -5.00 9.57 23.61
N LEU A 79 -4.10 9.76 22.66
CA LEU A 79 -3.86 8.76 21.62
C LEU A 79 -3.20 7.48 22.13
N GLU A 80 -2.54 7.58 23.29
CA GLU A 80 -1.84 6.44 23.88
C GLU A 80 -2.83 5.31 24.21
N ASN A 81 -4.08 5.72 24.48
CA ASN A 81 -5.20 4.80 24.75
C ASN A 81 -5.83 4.13 23.52
N PHE A 82 -5.37 4.48 22.32
CA PHE A 82 -5.91 3.92 21.09
C PHE A 82 -4.88 2.96 20.54
N SER A 83 -5.32 1.87 19.93
CA SER A 83 -4.40 0.92 19.34
C SER A 83 -3.91 1.46 17.99
N ASN A 84 -2.85 0.84 17.48
CA ASN A 84 -2.32 1.24 16.17
C ASN A 84 -3.38 1.09 15.08
N GLU A 85 -4.13 -0.01 15.12
CA GLU A 85 -5.19 -0.28 14.15
C GLU A 85 -6.34 0.69 14.27
N GLU A 86 -6.71 1.07 15.51
CA GLU A 86 -7.76 2.06 15.72
C GLU A 86 -7.38 3.43 15.18
N ILE A 87 -6.08 3.76 15.32
CA ILE A 87 -5.53 5.00 14.80
C ILE A 87 -5.47 4.97 13.27
N ARG A 88 -5.03 3.84 12.72
CA ARG A 88 -5.00 3.69 11.29
C ARG A 88 -6.41 3.77 10.69
N LYS A 89 -7.37 3.05 11.29
CA LYS A 89 -8.72 3.01 10.76
C LYS A 89 -9.39 4.39 10.81
N GLY A 90 -8.98 5.19 11.80
CA GLY A 90 -9.48 6.55 11.97
C GLY A 90 -8.97 7.48 10.88
N LEU A 91 -7.67 7.40 10.61
CA LEU A 91 -7.04 8.11 9.47
C LEU A 91 -7.62 7.65 8.11
N GLN A 92 -7.86 6.35 7.98
CA GLN A 92 -8.44 5.76 6.77
C GLN A 92 -9.79 6.40 6.46
N LEU A 93 -10.61 6.65 7.48
CA LEU A 93 -11.89 7.35 7.28
C LEU A 93 -11.69 8.79 6.76
N ALA A 94 -10.69 9.50 7.29
CA ALA A 94 -10.39 10.87 6.86
C ALA A 94 -9.81 10.89 5.44
N LEU A 95 -8.90 9.96 5.15
CA LEU A 95 -8.28 9.85 3.84
C LEU A 95 -9.32 9.57 2.77
N LEU A 96 -10.21 8.64 3.09
CA LEU A 96 -11.32 8.24 2.23
C LEU A 96 -12.22 9.44 1.91
N LYS A 97 -12.64 10.16 2.95
CA LYS A 97 -13.37 11.43 2.78
C LYS A 97 -12.62 12.40 1.85
N GLY A 98 -11.31 12.55 2.09
CA GLY A 98 -10.48 13.48 1.34
C GLY A 98 -10.24 13.08 -0.11
N MSE A 99 -10.48 11.82 -0.46
CA MSE A 99 -10.19 11.36 -1.81
C MSE A 99 -11.43 11.00 -2.62
O MSE A 99 -11.35 10.39 -3.70
CB MSE A 99 -9.23 10.18 -1.74
CG MSE A 99 -7.89 10.55 -1.16
SE MSE A 99 -6.86 8.98 -0.78
CE MSE A 99 -5.04 9.89 -0.92
N LYS A 100 -12.57 11.42 -2.10
CA LYS A 100 -13.85 11.14 -2.72
C LYS A 100 -14.02 11.74 -4.12
N HIS A 101 -13.56 12.97 -4.32
CA HIS A 101 -13.56 13.64 -5.62
C HIS A 101 -12.21 14.27 -5.96
N GLY A 102 -11.88 14.33 -7.26
CA GLY A 102 -10.71 15.04 -7.74
C GLY A 102 -9.39 14.31 -7.61
N ILE A 103 -9.39 13.14 -6.97
CA ILE A 103 -8.18 12.33 -6.86
C ILE A 103 -8.15 11.33 -8.00
N GLN A 104 -7.04 11.29 -8.70
CA GLN A 104 -6.85 10.31 -9.74
C GLN A 104 -6.63 8.90 -9.18
N VAL A 105 -7.01 7.89 -9.98
CA VAL A 105 -6.95 6.48 -9.60
C VAL A 105 -5.56 6.13 -9.09
N ASN A 106 -4.54 6.70 -9.73
CA ASN A 106 -3.17 6.45 -9.34
C ASN A 106 -2.79 7.02 -8.00
N HIS A 107 -3.56 7.98 -7.47
CA HIS A 107 -3.34 8.51 -6.12
C HIS A 107 -4.30 8.00 -5.02
N GLN A 108 -5.15 7.03 -5.36
CA GLN A 108 -6.18 6.51 -4.47
C GLN A 108 -5.52 5.59 -3.46
N MSE A 109 -5.93 5.71 -2.19
N MSE A 109 -5.93 5.70 -2.19
CA MSE A 109 -5.35 4.89 -1.14
CA MSE A 109 -5.36 4.86 -1.15
C MSE A 109 -5.89 3.47 -1.27
C MSE A 109 -5.88 3.44 -1.31
O MSE A 109 -6.94 3.27 -1.86
O MSE A 109 -6.87 3.22 -1.98
CB MSE A 109 -5.61 5.51 0.24
CB MSE A 109 -5.64 5.40 0.25
CG MSE A 109 -7.06 5.52 0.71
CG MSE A 109 -7.07 5.26 0.78
SE MSE A 109 -7.54 3.91 1.71
SE MSE A 109 -7.18 5.30 2.75
CE MSE A 109 -9.34 4.28 2.07
CE MSE A 109 -5.57 6.24 3.07
N THR A 110 -5.17 2.47 -0.76
CA THR A 110 -5.61 1.06 -0.82
C THR A 110 -6.39 0.81 0.48
N PRO A 111 -7.69 0.53 0.36
CA PRO A 111 -8.52 0.29 1.54
C PRO A 111 -8.21 -1.08 2.08
N ASP A 112 -8.43 -1.26 3.38
CA ASP A 112 -8.09 -2.50 4.08
C ASP A 112 -8.95 -3.70 3.70
N SER A 113 -10.08 -3.47 3.03
CA SER A 113 -10.83 -4.55 2.40
C SER A 113 -9.87 -5.34 1.51
N ILE A 114 -8.93 -4.63 0.89
CA ILE A 114 -7.90 -5.23 0.03
C ILE A 114 -6.60 -5.51 0.82
N GLY A 115 -6.20 -4.59 1.67
CA GLY A 115 -4.99 -4.73 2.48
C GLY A 115 -4.99 -5.96 3.36
N PHE A 116 -6.15 -6.27 3.97
CA PHE A 116 -6.31 -7.51 4.73
C PHE A 116 -6.08 -8.74 3.93
N ILE A 117 -6.47 -8.70 2.67
CA ILE A 117 -6.22 -9.81 1.77
C ILE A 117 -4.72 -9.97 1.49
N VAL A 118 -4.06 -8.85 1.26
CA VAL A 118 -2.61 -8.85 1.08
C VAL A 118 -1.90 -9.35 2.36
N ALA A 119 -2.32 -8.87 3.53
CA ALA A 119 -1.72 -9.30 4.82
C ALA A 119 -1.87 -10.81 5.01
N TYR A 120 -3.05 -11.34 4.68
CA TYR A 120 -3.31 -12.78 4.72
C TYR A 120 -2.33 -13.60 3.85
N LEU A 121 -2.16 -13.16 2.62
CA LEU A 121 -1.28 -13.82 1.67
C LEU A 121 0.20 -13.82 2.12
N LEU A 122 0.68 -12.70 2.67
CA LEU A 122 2.00 -12.60 3.26
C LEU A 122 2.17 -13.57 4.39
N GLU A 123 1.14 -13.65 5.26
CA GLU A 123 1.09 -14.66 6.31
C GLU A 123 1.34 -16.06 5.76
N LYS A 124 0.82 -16.39 4.58
CA LYS A 124 1.04 -17.73 4.07
C LYS A 124 2.51 -17.89 3.66
N VAL A 125 3.16 -16.86 3.13
CA VAL A 125 4.50 -17.08 2.54
C VAL A 125 5.64 -16.97 3.53
N ILE A 126 5.42 -16.27 4.64
CA ILE A 126 6.47 -15.98 5.61
C ILE A 126 6.57 -17.08 6.64
N GLN A 127 5.46 -17.77 6.85
CA GLN A 127 5.42 -19.03 7.56
C GLN A 127 5.88 -18.90 9.01
N LYS A 128 7.06 -19.42 9.36
CA LYS A 128 7.51 -19.30 10.74
C LYS A 128 8.73 -18.38 10.86
N LYS A 129 8.88 -17.43 9.93
CA LYS A 129 9.87 -16.37 10.12
C LYS A 129 9.42 -15.44 11.24
N LYS A 130 10.38 -15.01 12.04
CA LYS A 130 10.13 -14.09 13.14
C LYS A 130 10.51 -12.65 12.76
N ASN A 131 11.20 -12.52 11.63
CA ASN A 131 11.53 -11.22 11.07
C ASN A 131 11.15 -11.19 9.62
N VAL A 132 10.38 -10.18 9.21
CA VAL A 132 10.01 -10.00 7.81
C VAL A 132 10.35 -8.59 7.41
N SER A 133 11.06 -8.42 6.30
CA SER A 133 11.30 -7.11 5.70
C SER A 133 10.43 -6.94 4.48
N ILE A 134 9.88 -5.75 4.36
CA ILE A 134 8.90 -5.43 3.33
C ILE A 134 9.26 -4.09 2.70
N LEU A 135 9.04 -3.96 1.39
CA LEU A 135 9.17 -2.72 0.67
C LEU A 135 7.93 -2.49 -0.17
N ASP A 136 7.36 -1.29 -0.04
CA ASP A 136 6.40 -0.72 -1.00
C ASP A 136 7.05 0.48 -1.72
N PRO A 137 7.47 0.30 -3.01
CA PRO A 137 8.17 1.38 -3.70
C PRO A 137 7.31 2.49 -4.34
N ALA A 138 6.00 2.48 -4.05
CA ALA A 138 5.02 3.42 -4.52
C ALA A 138 3.90 3.44 -3.47
N CYS A 139 4.26 3.87 -2.26
CA CYS A 139 3.50 3.54 -1.05
C CYS A 139 2.28 4.43 -0.79
N GLY A 140 2.24 5.62 -1.41
CA GLY A 140 1.17 6.57 -1.21
C GLY A 140 1.06 6.98 0.24
N THR A 141 -0.14 6.86 0.79
CA THR A 141 -0.41 7.13 2.20
C THR A 141 0.16 6.09 3.19
N ALA A 142 0.75 5.00 2.68
CA ALA A 142 1.19 3.83 3.44
C ALA A 142 0.09 3.08 4.17
N ASN A 143 -1.19 3.32 3.83
CA ASN A 143 -2.31 2.57 4.42
C ASN A 143 -2.19 1.07 4.17
N LEU A 144 -1.80 0.69 2.95
CA LEU A 144 -1.62 -0.72 2.62
C LEU A 144 -0.50 -1.27 3.50
N LEU A 145 0.58 -0.52 3.58
CA LEU A 145 1.78 -0.97 4.23
C LEU A 145 1.54 -1.10 5.72
N THR A 146 0.95 -0.08 6.33
CA THR A 146 0.62 -0.14 7.76
C THR A 146 -0.48 -1.13 8.12
N THR A 147 -1.40 -1.42 7.20
CA THR A 147 -2.40 -2.49 7.38
C THR A 147 -1.69 -3.82 7.44
N VAL A 148 -0.78 -4.04 6.49
CA VAL A 148 0.01 -5.24 6.48
C VAL A 148 0.87 -5.40 7.77
N ILE A 149 1.54 -4.33 8.19
CA ILE A 149 2.41 -4.37 9.37
C ILE A 149 1.62 -4.77 10.62
N ASN A 150 0.52 -4.07 10.84
CA ASN A 150 -0.28 -4.26 12.03
C ASN A 150 -0.89 -5.67 12.05
N GLN A 151 -1.28 -6.23 10.90
CA GLN A 151 -1.80 -7.59 10.86
C GLN A 151 -0.72 -8.62 11.21
N LEU A 152 0.45 -8.54 10.60
CA LEU A 152 1.50 -9.52 10.85
C LEU A 152 2.04 -9.51 12.26
N GLU A 153 2.08 -8.33 12.89
CA GLU A 153 2.60 -8.17 14.24
C GLU A 153 1.57 -8.44 15.32
N LEU A 154 0.31 -8.62 14.93
CA LEU A 154 -0.82 -8.80 15.85
C LEU A 154 -0.65 -9.92 16.90
N LYS A 155 0.13 -10.96 16.57
CA LYS A 155 0.27 -12.16 17.41
C LYS A 155 1.33 -11.95 18.48
N GLY A 156 2.33 -11.14 18.15
CA GLY A 156 3.43 -10.81 19.06
C GLY A 156 4.70 -11.59 18.81
N ASP A 157 4.78 -12.31 17.68
CA ASP A 157 5.95 -13.13 17.36
C ASP A 157 6.80 -12.59 16.19
N VAL A 158 6.17 -11.88 15.25
CA VAL A 158 6.84 -11.37 14.04
C VAL A 158 7.14 -9.87 14.10
N ASP A 159 8.40 -9.54 13.88
CA ASP A 159 8.90 -8.18 13.77
C ASP A 159 9.00 -7.81 12.29
N VAL A 160 8.18 -6.85 11.84
CA VAL A 160 8.19 -6.36 10.47
C VAL A 160 9.12 -5.14 10.32
N HIS A 161 10.02 -5.19 9.36
CA HIS A 161 10.87 -4.06 9.06
C HIS A 161 10.45 -3.53 7.66
N ALA A 162 9.68 -2.44 7.64
CA ALA A 162 8.97 -1.97 6.45
C ALA A 162 9.61 -0.68 5.93
N SER A 163 9.70 -0.59 4.59
CA SER A 163 10.12 0.63 3.93
C SER A 163 9.08 1.03 2.88
N GLY A 164 8.76 2.32 2.81
CA GLY A 164 7.87 2.83 1.78
C GLY A 164 8.52 4.01 1.09
N VAL A 165 8.33 4.11 -0.23
CA VAL A 165 8.78 5.21 -1.06
C VAL A 165 7.59 5.82 -1.82
N ASP A 166 7.45 7.13 -1.80
CA ASP A 166 6.57 7.82 -2.76
C ASP A 166 7.20 9.12 -3.27
N VAL A 167 6.92 9.43 -4.53
CA VAL A 167 7.42 10.63 -5.20
C VAL A 167 6.58 11.86 -4.82
N ASP A 168 5.35 11.65 -4.36
CA ASP A 168 4.40 12.75 -4.14
C ASP A 168 4.52 13.40 -2.75
N ASP A 169 4.55 14.73 -2.71
CA ASP A 169 4.76 15.47 -1.46
C ASP A 169 3.67 15.24 -0.45
N LEU A 170 2.43 15.49 -0.87
CA LEU A 170 1.30 15.39 0.02
C LEU A 170 1.09 13.95 0.51
N LEU A 171 1.19 12.97 -0.38
CA LEU A 171 0.92 11.60 0.02
C LEU A 171 2.00 11.04 0.95
N ILE A 172 3.28 11.34 0.66
CA ILE A 172 4.36 10.90 1.54
C ILE A 172 4.28 11.61 2.93
N SER A 173 3.81 12.87 2.95
CA SER A 173 3.60 13.60 4.22
C SER A 173 2.52 12.96 5.03
N LEU A 174 1.48 12.51 4.37
CA LEU A 174 0.40 11.77 5.03
C LEU A 174 0.87 10.38 5.51
N ALA A 175 1.71 9.70 4.73
CA ALA A 175 2.38 8.47 5.18
C ALA A 175 3.18 8.73 6.46
N LEU A 176 3.96 9.82 6.46
CA LEU A 176 4.85 10.17 7.57
C LEU A 176 4.09 10.51 8.86
N VAL A 177 2.98 11.24 8.78
CA VAL A 177 2.21 11.58 9.97
C VAL A 177 1.37 10.40 10.45
N GLY A 178 0.88 9.57 9.53
CA GLY A 178 0.22 8.34 9.92
C GLY A 178 1.13 7.37 10.66
N ALA A 179 2.35 7.23 10.18
CA ALA A 179 3.42 6.50 10.90
C ALA A 179 3.65 7.07 12.28
N ASP A 180 3.83 8.38 12.39
CA ASP A 180 3.94 9.08 13.70
C ASP A 180 2.77 8.78 14.63
N LEU A 181 1.56 9.04 14.17
CA LEU A 181 0.34 8.78 14.95
C LEU A 181 0.14 7.29 15.30
N GLN A 182 0.41 6.37 14.39
CA GLN A 182 0.27 4.93 14.71
C GLN A 182 1.43 4.33 15.55
N ARG A 183 2.46 5.13 15.83
CA ARG A 183 3.66 4.69 16.57
C ARG A 183 4.49 3.60 15.85
N GLN A 184 4.63 3.74 14.53
CA GLN A 184 5.39 2.80 13.72
C GLN A 184 6.86 3.12 13.77
N LYS A 185 7.69 2.09 13.63
CA LYS A 185 9.12 2.31 13.40
C LYS A 185 9.38 1.74 12.02
N MSE A 186 9.33 2.62 11.04
CA MSE A 186 9.47 2.26 9.65
C MSE A 186 10.23 3.34 8.92
O MSE A 186 10.56 4.38 9.48
CB MSE A 186 8.11 2.09 9.06
CG MSE A 186 7.22 3.31 9.10
SE MSE A 186 5.40 2.90 8.44
CE MSE A 186 5.83 2.21 6.61
N THR A 187 10.56 3.08 7.67
CA THR A 187 11.35 3.98 6.88
C THR A 187 10.48 4.42 5.72
N LEU A 188 10.30 5.73 5.56
CA LEU A 188 9.48 6.32 4.52
C LEU A 188 10.33 7.29 3.76
N LEU A 189 10.51 7.06 2.45
CA LEU A 189 11.39 7.89 1.62
C LEU A 189 10.56 8.68 0.63
N HIS A 190 10.87 9.97 0.52
CA HIS A 190 10.28 10.87 -0.45
C HIS A 190 11.23 10.98 -1.66
N GLN A 191 10.97 10.21 -2.68
CA GLN A 191 11.79 10.22 -3.85
C GLN A 191 11.09 9.42 -4.95
N ASP A 192 11.71 9.40 -6.12
CA ASP A 192 11.30 8.53 -7.22
C ASP A 192 11.71 7.10 -6.79
N GLY A 193 10.70 6.23 -6.63
CA GLY A 193 10.84 4.80 -6.35
C GLY A 193 11.50 3.96 -7.42
N LEU A 194 11.61 4.52 -8.62
CA LEU A 194 12.32 3.91 -9.76
C LEU A 194 13.76 4.39 -9.93
N ALA A 195 14.18 5.33 -9.10
CA ALA A 195 15.57 5.76 -9.04
C ALA A 195 16.27 4.82 -8.06
N ASN A 196 17.55 5.03 -7.78
CA ASN A 196 18.22 4.10 -6.89
C ASN A 196 17.69 4.26 -5.47
N LEU A 197 17.43 3.12 -4.83
CA LEU A 197 16.89 3.09 -3.49
C LEU A 197 17.98 2.61 -2.60
N LEU A 198 18.11 3.26 -1.46
CA LEU A 198 19.05 2.85 -0.40
C LEU A 198 18.28 2.00 0.59
N VAL A 199 17.88 0.84 0.09
CA VAL A 199 17.04 -0.12 0.79
C VAL A 199 17.70 -1.46 0.53
N ASP A 200 17.92 -2.21 1.58
CA ASP A 200 18.43 -3.55 1.44
C ASP A 200 17.26 -4.44 0.93
N PRO A 201 17.60 -5.46 0.15
CA PRO A 201 16.69 -6.42 -0.44
C PRO A 201 15.78 -7.02 0.64
N VAL A 202 14.50 -7.12 0.31
CA VAL A 202 13.48 -7.48 1.26
C VAL A 202 12.94 -8.89 1.02
N ASP A 203 12.33 -9.44 2.05
CA ASP A 203 11.61 -10.68 1.93
C ASP A 203 10.39 -10.54 1.06
N VAL A 204 9.71 -9.39 1.14
CA VAL A 204 8.49 -9.17 0.37
C VAL A 204 8.33 -7.76 -0.14
N VAL A 205 8.01 -7.64 -1.43
CA VAL A 205 7.52 -6.40 -1.99
C VAL A 205 6.00 -6.44 -2.13
N ILE A 206 5.34 -5.37 -1.67
CA ILE A 206 3.89 -5.17 -1.88
C ILE A 206 3.69 -3.78 -2.48
N SER A 207 2.82 -3.67 -3.47
CA SER A 207 2.47 -2.36 -3.94
C SER A 207 1.19 -2.38 -4.73
N ASP A 208 0.45 -1.31 -4.59
CA ASP A 208 -0.67 -0.98 -5.44
C ASP A 208 -0.14 -0.02 -6.50
N LEU A 209 0.08 -0.56 -7.70
CA LEU A 209 0.90 0.10 -8.69
C LEU A 209 0.24 1.28 -9.43
N PRO A 210 1.05 2.34 -9.69
CA PRO A 210 0.57 3.38 -10.59
C PRO A 210 0.60 2.84 -12.04
N VAL A 211 -0.41 3.22 -12.81
CA VAL A 211 -0.62 2.73 -14.15
C VAL A 211 -0.59 3.93 -15.10
N GLY A 212 0.31 3.90 -16.09
CA GLY A 212 0.44 4.98 -17.02
C GLY A 212 1.90 5.15 -17.40
N TYR A 213 2.23 6.34 -17.85
CA TYR A 213 3.57 6.62 -18.31
C TYR A 213 4.47 7.10 -17.18
N TYR A 214 5.70 6.61 -17.20
CA TYR A 214 6.80 7.12 -16.42
C TYR A 214 7.46 8.24 -17.19
N PRO A 215 7.52 9.45 -16.60
CA PRO A 215 8.02 10.60 -17.33
C PRO A 215 9.53 10.73 -17.47
N ASP A 216 10.33 10.01 -16.69
CA ASP A 216 11.79 10.21 -16.76
C ASP A 216 12.46 9.23 -17.75
N ASP A 217 12.64 9.65 -18.99
CA ASP A 217 13.06 8.76 -20.07
C ASP A 217 14.53 8.32 -19.95
N GLU A 218 15.36 9.18 -19.38
CA GLU A 218 16.76 8.85 -19.05
C GLU A 218 16.87 7.80 -17.97
N ASN A 219 16.18 8.00 -16.84
CA ASN A 219 16.18 6.93 -15.85
C ASN A 219 15.58 5.61 -16.40
N ALA A 220 14.56 5.72 -17.23
CA ALA A 220 13.93 4.52 -17.82
C ALA A 220 14.93 3.60 -18.52
N LYS A 221 15.97 4.21 -19.10
CA LYS A 221 16.98 3.48 -19.84
C LYS A 221 17.73 2.47 -18.98
N THR A 222 17.71 2.64 -17.67
CA THR A 222 18.41 1.74 -16.76
C THR A 222 17.64 0.43 -16.54
N PHE A 223 16.47 0.28 -17.16
CA PHE A 223 15.56 -0.85 -16.98
C PHE A 223 15.50 -1.66 -18.28
N GLU A 224 15.49 -2.99 -18.18
CA GLU A 224 15.20 -3.86 -19.30
C GLU A 224 13.82 -3.63 -19.90
N LEU A 225 12.84 -3.25 -19.07
CA LEU A 225 11.49 -3.06 -19.59
C LEU A 225 11.26 -1.63 -20.17
N CYS A 226 12.33 -0.86 -20.37
CA CYS A 226 12.29 0.43 -21.05
C CYS A 226 11.60 0.27 -22.40
N ARG A 227 10.75 1.22 -22.80
CA ARG A 227 10.28 1.29 -24.19
C ARG A 227 11.29 2.04 -25.05
N GLU A 228 11.53 1.52 -26.25
CA GLU A 228 12.45 2.14 -27.20
C GLU A 228 11.96 3.54 -27.63
N GLU A 229 10.68 3.65 -27.93
CA GLU A 229 10.10 4.91 -28.38
C GLU A 229 9.10 5.41 -27.36
N GLY A 230 9.24 6.69 -26.98
CA GLY A 230 8.32 7.33 -26.05
C GLY A 230 8.57 7.00 -24.59
N HIS A 231 7.60 7.36 -23.76
CA HIS A 231 7.63 7.03 -22.36
C HIS A 231 7.40 5.54 -22.10
N SER A 232 8.13 5.04 -21.13
CA SER A 232 7.95 3.69 -20.63
C SER A 232 6.71 3.65 -19.72
N PHE A 233 6.28 2.43 -19.41
CA PHE A 233 5.14 2.19 -18.55
C PHE A 233 5.58 2.12 -17.09
N ALA A 234 5.02 2.99 -16.25
CA ALA A 234 5.40 3.03 -14.83
C ALA A 234 5.10 1.68 -14.22
N HIS A 235 3.94 1.12 -14.59
CA HIS A 235 3.53 -0.19 -14.02
C HIS A 235 4.47 -1.40 -14.36
N PHE A 236 5.03 -1.44 -15.57
CA PHE A 236 6.06 -2.43 -15.94
C PHE A 236 7.38 -2.20 -15.17
N LEU A 237 7.85 -0.96 -15.14
CA LEU A 237 9.12 -0.68 -14.49
C LEU A 237 9.09 -0.97 -13.00
N PHE A 238 7.93 -0.73 -12.36
CA PHE A 238 7.76 -1.08 -10.93
C PHE A 238 7.87 -2.56 -10.64
N ILE A 239 7.42 -3.40 -11.56
CA ILE A 239 7.59 -4.84 -11.44
C ILE A 239 9.07 -5.17 -11.50
N GLU A 240 9.79 -4.60 -12.45
CA GLU A 240 11.22 -4.85 -12.53
C GLU A 240 12.00 -4.28 -11.33
N GLN A 241 11.71 -3.05 -10.92
CA GLN A 241 12.33 -2.48 -9.73
C GLN A 241 12.05 -3.32 -8.48
N GLY A 242 10.80 -3.69 -8.31
CA GLY A 242 10.46 -4.58 -7.22
C GLY A 242 11.25 -5.88 -7.20
N MSE A 243 11.35 -6.58 -8.33
CA MSE A 243 12.12 -7.81 -8.37
C MSE A 243 13.63 -7.57 -8.03
O MSE A 243 14.28 -8.41 -7.39
CB MSE A 243 11.96 -8.54 -9.69
CB MSE A 243 12.06 -8.44 -9.76
CG MSE A 243 10.51 -8.96 -9.96
CG MSE A 243 10.88 -9.38 -10.03
SE MSE A 243 10.34 -10.30 -11.37
SE MSE A 243 11.44 -11.26 -9.73
CE MSE A 243 9.92 -11.81 -10.32
CE MSE A 243 10.52 -12.13 -11.14
N ARG A 244 14.14 -6.42 -8.49
N ARG A 244 14.18 -6.43 -8.49
CA ARG A 244 15.52 -5.94 -8.24
CA ARG A 244 15.58 -6.07 -8.18
C ARG A 244 15.83 -5.85 -6.74
C ARG A 244 15.80 -5.98 -6.67
N TYR A 245 14.86 -5.41 -5.95
CA TYR A 245 15.02 -5.21 -4.51
C TYR A 245 14.40 -6.32 -3.66
N THR A 246 14.06 -7.45 -4.26
CA THR A 246 13.61 -8.63 -3.53
C THR A 246 14.79 -9.58 -3.39
N LYS A 247 14.93 -10.17 -2.21
CA LYS A 247 15.90 -11.22 -2.02
C LYS A 247 15.60 -12.42 -2.92
N PRO A 248 16.65 -13.16 -3.30
CA PRO A 248 16.41 -14.46 -3.91
C PRO A 248 15.40 -15.29 -3.11
N GLY A 249 14.38 -15.82 -3.77
CA GLY A 249 13.38 -16.62 -3.08
C GLY A 249 12.29 -15.84 -2.36
N GLY A 250 12.40 -14.52 -2.28
CA GLY A 250 11.34 -13.67 -1.77
C GLY A 250 10.14 -13.57 -2.71
N TYR A 251 9.09 -12.93 -2.20
CA TYR A 251 7.84 -12.76 -2.87
C TYR A 251 7.43 -11.33 -3.14
N LEU A 252 6.61 -11.18 -4.17
CA LEU A 252 6.08 -9.90 -4.56
C LEU A 252 4.57 -10.00 -4.79
N PHE A 253 3.85 -9.00 -4.29
CA PHE A 253 2.41 -8.89 -4.36
C PHE A 253 2.08 -7.51 -4.91
N PHE A 254 1.62 -7.49 -6.14
CA PHE A 254 1.23 -6.28 -6.79
C PHE A 254 -0.25 -6.24 -7.06
N LEU A 255 -0.88 -5.10 -6.76
CA LEU A 255 -2.26 -4.84 -7.18
C LEU A 255 -2.20 -4.11 -8.52
N VAL A 256 -2.82 -4.73 -9.52
CA VAL A 256 -2.75 -4.29 -10.91
C VAL A 256 -4.08 -4.46 -11.55
N PRO A 257 -4.40 -3.63 -12.56
CA PRO A 257 -5.62 -3.88 -13.27
C PRO A 257 -5.59 -5.23 -13.97
N ASP A 258 -6.69 -5.99 -13.84
CA ASP A 258 -6.71 -7.33 -14.42
C ASP A 258 -6.56 -7.29 -15.95
N ALA A 259 -6.97 -6.17 -16.55
CA ALA A 259 -6.84 -5.99 -17.97
C ALA A 259 -5.37 -5.95 -18.46
N MSE A 260 -4.41 -5.74 -17.58
CA MSE A 260 -3.01 -5.76 -17.97
C MSE A 260 -2.63 -7.09 -18.64
O MSE A 260 -1.82 -7.10 -19.55
CB MSE A 260 -2.14 -5.58 -16.72
CG MSE A 260 -0.67 -5.28 -17.02
SE MSE A 260 0.34 -5.05 -15.46
CE MSE A 260 0.10 -6.83 -14.75
N PHE A 261 -3.19 -8.21 -18.14
CA PHE A 261 -2.71 -9.53 -18.50
C PHE A 261 -3.03 -9.87 -19.94
N GLY A 262 -4.06 -9.27 -20.50
CA GLY A 262 -4.45 -9.58 -21.85
C GLY A 262 -3.90 -8.72 -22.96
N THR A 263 -3.00 -7.80 -22.64
CA THR A 263 -2.44 -6.89 -23.64
C THR A 263 -1.26 -7.61 -24.29
N SER A 264 -0.96 -7.32 -25.56
CA SER A 264 0.19 -7.93 -26.19
C SER A 264 1.52 -7.52 -25.53
N ASP A 265 1.60 -6.30 -24.99
CA ASP A 265 2.79 -5.83 -24.30
C ASP A 265 3.10 -6.63 -23.03
N PHE A 266 2.11 -7.23 -22.40
CA PHE A 266 2.37 -8.01 -21.24
C PHE A 266 3.30 -9.23 -21.48
N ALA A 267 3.31 -9.77 -22.70
CA ALA A 267 4.24 -10.84 -23.11
C ALA A 267 5.67 -10.52 -22.71
N LYS A 268 6.05 -9.24 -22.81
CA LYS A 268 7.38 -8.80 -22.47
C LYS A 268 7.65 -8.85 -20.96
N VAL A 269 6.66 -8.48 -20.17
CA VAL A 269 6.78 -8.56 -18.73
C VAL A 269 6.81 -10.04 -18.27
N ASP A 270 5.99 -10.85 -18.94
CA ASP A 270 5.94 -12.27 -18.70
C ASP A 270 7.31 -12.92 -18.92
N LYS A 271 7.92 -12.59 -20.05
CA LYS A 271 9.26 -13.07 -20.40
C LYS A 271 10.34 -12.59 -19.40
N PHE A 272 10.32 -11.32 -19.06
CA PHE A 272 11.11 -10.79 -17.97
C PHE A 272 11.00 -11.53 -16.61
N ILE A 273 9.77 -11.74 -16.15
CA ILE A 273 9.54 -12.44 -14.94
C ILE A 273 10.17 -13.82 -14.97
N LYS A 274 9.99 -14.54 -16.07
CA LYS A 274 10.51 -15.86 -16.23
C LYS A 274 12.03 -15.96 -16.26
N LYS A 275 12.72 -14.87 -16.57
CA LYS A 275 14.15 -14.84 -16.47
C LYS A 275 14.66 -14.60 -15.04
N ASN A 276 13.77 -14.27 -14.13
CA ASN A 276 14.07 -13.76 -12.79
C ASN A 276 13.33 -14.42 -11.66
N GLY A 277 12.50 -15.40 -11.99
CA GLY A 277 11.51 -15.94 -11.08
C GLY A 277 10.32 -16.56 -11.78
N HIS A 278 9.17 -16.49 -11.12
CA HIS A 278 7.95 -17.04 -11.64
C HIS A 278 6.70 -16.37 -11.04
N ILE A 279 5.60 -16.56 -11.76
CA ILE A 279 4.28 -16.24 -11.28
C ILE A 279 3.76 -17.40 -10.44
N GLU A 280 3.36 -17.09 -9.21
CA GLU A 280 2.71 -18.05 -8.32
C GLU A 280 1.19 -18.07 -8.57
N GLY A 281 0.63 -16.89 -8.70
CA GLY A 281 -0.79 -16.75 -8.81
C GLY A 281 -1.27 -15.42 -9.26
N ILE A 282 -2.52 -15.42 -9.70
CA ILE A 282 -3.27 -14.17 -10.00
C ILE A 282 -4.67 -14.30 -9.42
N ILE A 283 -4.98 -13.42 -8.48
CA ILE A 283 -6.25 -13.45 -7.78
C ILE A 283 -7.06 -12.20 -8.14
N LYS A 284 -8.13 -12.39 -8.93
N LYS A 284 -8.17 -12.39 -8.86
CA LYS A 284 -9.05 -11.31 -9.29
CA LYS A 284 -8.99 -11.28 -9.30
C LYS A 284 -9.85 -10.92 -8.07
C LYS A 284 -10.02 -10.89 -8.23
N LEU A 285 -9.99 -9.62 -7.84
CA LEU A 285 -10.72 -9.12 -6.70
C LEU A 285 -12.15 -8.70 -7.03
N PRO A 286 -13.02 -8.68 -6.02
CA PRO A 286 -14.39 -8.34 -6.29
C PRO A 286 -14.59 -6.92 -6.86
N GLU A 287 -15.51 -6.78 -7.80
CA GLU A 287 -15.87 -5.49 -8.42
C GLU A 287 -16.26 -4.44 -7.38
N THR A 288 -17.04 -4.86 -6.40
CA THR A 288 -17.56 -3.90 -5.43
C THR A 288 -16.46 -3.29 -4.56
N LEU A 289 -15.22 -3.77 -4.65
CA LEU A 289 -14.12 -3.11 -3.92
C LEU A 289 -13.63 -1.84 -4.61
N PHE A 290 -14.01 -1.65 -5.86
CA PHE A 290 -13.48 -0.56 -6.62
C PHE A 290 -14.58 0.48 -6.84
N LYS A 291 -14.21 1.74 -7.00
CA LYS A 291 -15.15 2.77 -7.54
C LYS A 291 -15.58 2.30 -8.96
N SER A 292 -16.09 3.21 -9.82
CA SER A 292 -16.11 2.88 -11.26
C SER A 292 -15.37 3.85 -12.20
N GLN A 294 -12.25 3.17 -11.13
CA GLN A 294 -11.44 1.94 -11.10
C GLN A 294 -12.04 0.76 -11.91
N ALA A 295 -11.25 0.27 -12.88
CA ALA A 295 -11.45 -1.10 -13.40
C ALA A 295 -10.81 -2.08 -12.39
N ARG A 296 -11.47 -3.21 -12.27
CA ARG A 296 -11.11 -4.35 -11.44
C ARG A 296 -9.60 -4.69 -11.39
N LYS A 297 -9.06 -4.66 -10.17
CA LYS A 297 -7.73 -5.11 -9.95
C LYS A 297 -7.64 -6.56 -9.50
N SER A 298 -6.45 -7.10 -9.72
CA SER A 298 -6.07 -8.42 -9.35
C SER A 298 -4.81 -8.33 -8.50
N ILE A 299 -4.56 -9.37 -7.70
CA ILE A 299 -3.31 -9.48 -6.98
C ILE A 299 -2.41 -10.39 -7.79
N LEU A 300 -1.33 -9.84 -8.32
CA LEU A 300 -0.26 -10.61 -8.96
C LEU A 300 0.77 -11.04 -7.92
N ILE A 301 0.97 -12.36 -7.84
CA ILE A 301 1.90 -12.96 -6.89
C ILE A 301 3.05 -13.56 -7.65
N LEU A 302 4.24 -13.04 -7.34
CA LEU A 302 5.50 -13.44 -7.94
C LEU A 302 6.45 -14.04 -6.88
N GLU A 303 7.31 -14.95 -7.30
CA GLU A 303 8.46 -15.34 -6.48
C GLU A 303 9.72 -15.13 -7.28
N LYS A 304 10.74 -14.55 -6.62
CA LYS A 304 12.06 -14.42 -7.17
C LYS A 304 12.86 -15.71 -7.11
N ALA A 305 13.69 -15.91 -8.13
CA ALA A 305 14.39 -17.14 -8.31
C ALA A 305 15.42 -17.37 -7.20
N ASP A 306 15.72 -18.63 -6.97
CA ASP A 306 16.88 -19.00 -6.12
C ASP A 306 17.19 -20.45 -6.36
N VAL A 307 18.29 -20.90 -5.76
CA VAL A 307 18.83 -22.23 -5.92
C VAL A 307 17.86 -23.32 -5.52
N ASP A 308 16.90 -23.03 -4.65
CA ASP A 308 16.00 -24.08 -4.12
C ASP A 308 14.53 -23.70 -4.30
N VAL A 309 14.23 -22.89 -5.30
CA VAL A 309 12.91 -22.42 -5.58
C VAL A 309 12.51 -22.85 -7.00
N LYS A 310 11.34 -23.46 -7.11
CA LYS A 310 10.78 -23.82 -8.38
C LYS A 310 9.38 -23.22 -8.56
N PRO A 311 8.95 -23.04 -9.84
CA PRO A 311 7.58 -22.60 -10.11
C PRO A 311 6.52 -23.61 -9.68
N PRO A 312 5.29 -23.15 -9.41
CA PRO A 312 4.29 -24.19 -9.14
C PRO A 312 4.00 -25.02 -10.39
N LYS A 313 3.47 -26.21 -10.22
CA LYS A 313 3.03 -27.07 -11.33
C LYS A 313 2.07 -26.30 -12.21
N GLU A 314 1.15 -25.59 -11.57
CA GLU A 314 0.18 -24.72 -12.25
C GLU A 314 0.07 -23.42 -11.50
N VAL A 315 -0.01 -22.30 -12.20
CA VAL A 315 -0.28 -21.01 -11.59
C VAL A 315 -1.69 -21.01 -10.92
N LEU A 316 -1.80 -20.45 -9.72
CA LEU A 316 -3.13 -20.26 -9.13
C LEU A 316 -3.85 -19.13 -9.83
N LEU A 317 -4.97 -19.43 -10.48
CA LEU A 317 -5.85 -18.43 -11.05
C LEU A 317 -7.20 -18.49 -10.31
N ALA A 318 -7.53 -17.44 -9.58
CA ALA A 318 -8.71 -17.45 -8.74
C ALA A 318 -9.49 -16.19 -9.00
N ASN A 319 -10.79 -16.37 -9.12
CA ASN A 319 -11.72 -15.29 -9.33
C ASN A 319 -12.51 -15.03 -8.06
N LEU A 320 -11.98 -14.15 -7.21
CA LEU A 320 -12.65 -13.77 -6.01
C LEU A 320 -13.70 -12.71 -6.30
N SER A 321 -14.83 -13.15 -6.84
CA SER A 321 -15.84 -12.25 -7.35
C SER A 321 -16.68 -11.66 -6.22
N SER A 322 -16.66 -12.30 -5.06
CA SER A 322 -17.27 -11.78 -3.84
C SER A 322 -16.24 -11.86 -2.72
N LEU A 323 -16.36 -10.94 -1.76
CA LEU A 323 -15.55 -10.96 -0.54
C LEU A 323 -16.31 -11.65 0.57
N THR A 324 -17.64 -11.62 0.50
CA THR A 324 -18.47 -12.09 1.59
C THR A 324 -19.18 -13.42 1.40
N ASP A 325 -19.37 -13.86 0.17
CA ASP A 325 -20.22 -15.04 -0.06
C ASP A 325 -19.33 -16.28 -0.03
N PRO A 326 -19.50 -17.17 0.97
CA PRO A 326 -18.60 -18.34 1.11
C PRO A 326 -18.67 -19.39 -0.01
N SER A 327 -19.81 -19.52 -0.72
CA SER A 327 -19.83 -20.31 -1.98
C SER A 327 -18.77 -19.87 -2.98
N VAL A 328 -18.48 -18.58 -3.01
CA VAL A 328 -17.39 -18.10 -3.82
C VAL A 328 -16.02 -18.16 -3.13
N THR A 329 -15.94 -17.67 -1.90
CA THR A 329 -14.66 -17.57 -1.23
C THR A 329 -14.11 -18.89 -0.67
N ALA A 330 -14.96 -19.80 -0.20
CA ALA A 330 -14.48 -21.00 0.48
C ALA A 330 -13.50 -21.84 -0.37
N PRO A 331 -13.88 -22.23 -1.61
CA PRO A 331 -12.94 -23.07 -2.38
C PRO A 331 -11.65 -22.37 -2.76
N ILE A 332 -11.71 -21.06 -2.94
CA ILE A 332 -10.51 -20.26 -3.19
C ILE A 332 -9.60 -20.18 -1.95
N LEU A 333 -10.18 -19.83 -0.79
CA LEU A 333 -9.39 -19.75 0.41
C LEU A 333 -8.89 -21.11 0.86
N ALA A 334 -9.67 -22.17 0.67
CA ALA A 334 -9.20 -23.49 1.01
C ALA A 334 -7.95 -23.87 0.20
N GLU A 335 -7.93 -23.50 -1.08
CA GLU A 335 -6.75 -23.71 -1.91
C GLU A 335 -5.57 -22.86 -1.44
N ILE A 336 -5.83 -21.60 -1.10
CA ILE A 336 -4.73 -20.72 -0.68
C ILE A 336 -4.17 -21.19 0.69
N GLU A 337 -5.01 -21.74 1.53
CA GLU A 337 -4.56 -22.22 2.83
C GLU A 337 -3.40 -23.23 2.70
N ASN A 338 -3.45 -24.06 1.67
CA ASN A 338 -2.40 -25.05 1.41
C ASN A 338 -1.33 -24.68 0.36
N TRP A 339 -1.51 -23.59 -0.38
CA TRP A 339 -0.78 -23.33 -1.63
C TRP A 339 0.70 -23.17 -1.37
N PHE A 340 1.04 -22.43 -0.31
CA PHE A 340 2.44 -22.06 -0.07
C PHE A 340 3.17 -23.00 0.91
N LYS A 341 2.51 -24.08 1.33
CA LYS A 341 3.08 -25.00 2.32
C LYS A 341 4.23 -25.84 1.74
CL CL B . 1.88 0.35 20.42
S SO4 C . 13.78 -15.26 11.05
O1 SO4 C . 12.95 -16.17 11.84
O2 SO4 C . 12.96 -14.40 10.17
O3 SO4 C . 14.69 -16.00 10.17
O4 SO4 C . 14.47 -14.34 11.94
N SAM D . -1.02 1.72 -1.50
CA SAM D . -1.20 3.14 -1.44
C SAM D . -1.92 3.58 -0.15
O SAM D . -2.28 2.74 0.66
OXT SAM D . -2.19 4.74 0.14
CB SAM D . -1.89 3.59 -2.72
CG SAM D . -0.88 3.74 -3.85
SD SAM D . -1.49 4.76 -5.22
CE SAM D . -2.70 3.66 -6.01
C5' SAM D . 0.03 4.61 -6.27
C4' SAM D . 1.23 5.54 -5.91
O4' SAM D . 2.29 5.55 -6.86
C3' SAM D . 0.88 7.03 -5.78
O3' SAM D . 0.86 7.32 -4.44
C2' SAM D . 1.93 7.85 -6.56
O2' SAM D . 2.37 9.06 -5.94
C1' SAM D . 3.00 6.79 -6.67
N9 SAM D . 4.02 7.00 -7.70
C8 SAM D . 3.85 7.26 -9.06
N7 SAM D . 5.05 7.30 -9.63
C5 SAM D . 5.99 7.07 -8.67
C6 SAM D . 7.37 7.04 -8.68
N6 SAM D . 8.05 7.25 -9.81
N1 SAM D . 8.03 6.79 -7.49
C2 SAM D . 7.37 6.59 -6.30
N3 SAM D . 6.01 6.65 -6.29
C4 SAM D . 5.35 6.89 -7.45
C1 GOL E . 5.44 -23.58 -5.44
O1 GOL E . 6.27 -22.80 -6.28
C2 GOL E . 4.49 -22.67 -4.65
O2 GOL E . 3.16 -23.20 -4.65
C3 GOL E . 5.01 -22.26 -3.25
O3 GOL E . 5.67 -20.97 -3.24
C1 GOL F . 11.23 -19.53 -15.82
O1 GOL F . 10.26 -19.44 -14.74
C2 GOL F . 11.30 -20.79 -16.75
O2 GOL F . 10.93 -21.91 -15.93
C3 GOL F . 10.39 -20.79 -18.03
O3 GOL F . 10.64 -20.00 -19.23
C1 GOL G . 8.28 0.29 -28.05
O1 GOL G . 8.98 1.48 -28.32
C2 GOL G . 9.20 -0.94 -27.88
O2 GOL G . 10.18 -0.76 -26.90
C3 GOL G . 8.37 -2.15 -27.44
O3 GOL G . 9.05 -2.77 -26.36
C1 GOL H . 0.33 -26.39 -7.46
O1 GOL H . 0.31 -25.91 -8.81
C2 GOL H . 1.43 -25.77 -6.56
O2 GOL H . 0.95 -25.38 -5.28
C3 GOL H . 2.62 -26.72 -6.37
O3 GOL H . 3.10 -27.20 -7.61
C1 GOL I . -20.79 -9.38 -3.33
O1 GOL I . -20.85 -10.68 -2.79
C2 GOL I . -20.00 -8.43 -2.44
O2 GOL I . -20.05 -8.77 -1.09
C3 GOL I . -18.55 -8.46 -2.85
O3 GOL I . -17.75 -8.61 -1.72
#